data_2CUZ
#
_entry.id   2CUZ
#
_cell.length_a   82.152
_cell.length_b   84.040
_cell.length_c   83.661
_cell.angle_alpha   90.00
_cell.angle_beta   90.00
_cell.angle_gamma   90.00
#
_symmetry.space_group_name_H-M   'P 21 21 21'
#
loop_
_entity.id
_entity.type
_entity.pdbx_description
1 polymer 'Glutamyl-tRNA synthetase'
2 non-polymer 'GLUTAMIC ACID'
3 water water
#
_entity_poly.entity_id   1
_entity_poly.type   'polypeptide(L)'
_entity_poly.pdbx_seq_one_letter_code
;MVVTRIAPSPTGDPHVGTAYIALFNYAWARRNGGRFIVRIEDTDRARYVPGAEERILAALKWLGLSYDEGPDVGGPHGPY
RQSERLPLYQKYAEELLKRGWAYRAFETPEELEQIRKEKGGYDGRARNIPPEEAEERARRGEPHVIRLKVPRPGTTEVKD
ELRGVVVYDNQEIPDVVLLKSDGYPTYHLANVVDDHLMGVTDVIRAEEWLVSTPIHVLLYRAFGWEAPRFYHMPLLRNPD
KTKISKRKSHTSLDWYKAEGFLPEALRNYLCLMGFSMPDGREIFTLEEFIQAFTWERVSLGGPVFDLEKLRWMNGKYIRE
VLSLEEVAERVKPFLREAGLSWESEAYLRRAVELMRPRFDTLKEFPEKARYLFTEDYPVSEKAQRKLEEGLPLLKELYPR
LRAQEEWTEAALEALLRGFAAEKGVKLGQVAQPLRAALTGSLETPGLFEILALLGKERALRRLERALA
;
_entity_poly.pdbx_strand_id   A
#
# COMPACT_ATOMS: atom_id res chain seq x y z
N MET A 1 -22.57 -17.85 8.24
CA MET A 1 -21.91 -16.51 8.30
C MET A 1 -20.57 -16.49 7.59
N VAL A 2 -20.37 -15.47 6.76
CA VAL A 2 -19.15 -15.33 6.01
C VAL A 2 -17.98 -14.92 6.92
N VAL A 3 -16.83 -15.59 6.72
CA VAL A 3 -15.62 -15.26 7.46
C VAL A 3 -14.49 -15.21 6.44
N THR A 4 -13.83 -14.04 6.35
CA THR A 4 -12.70 -13.85 5.45
C THR A 4 -11.46 -13.51 6.26
N ARG A 5 -10.30 -13.60 5.63
CA ARG A 5 -9.12 -13.19 6.33
C ARG A 5 -8.07 -12.58 5.42
N ILE A 6 -7.13 -11.85 6.02
CA ILE A 6 -5.98 -11.34 5.32
C ILE A 6 -4.88 -12.11 6.07
N ALA A 7 -3.86 -12.60 5.37
CA ALA A 7 -2.82 -13.41 6.04
C ALA A 7 -1.43 -12.97 5.64
N PRO A 8 -1.01 -11.77 6.09
CA PRO A 8 0.29 -11.20 5.79
C PRO A 8 1.48 -11.84 6.46
N SER A 9 2.60 -11.82 5.73
CA SER A 9 3.87 -12.36 6.22
C SER A 9 4.67 -11.12 6.59
N PRO A 10 5.11 -11.03 7.85
CA PRO A 10 5.88 -9.86 8.28
C PRO A 10 7.36 -9.99 7.89
N THR A 11 7.64 -9.84 6.60
CA THR A 11 9.00 -9.96 6.09
C THR A 11 9.53 -8.70 5.40
N GLY A 12 8.79 -7.61 5.52
CA GLY A 12 9.25 -6.39 4.88
C GLY A 12 8.32 -5.24 5.19
N ASP A 13 8.37 -4.21 4.35
CA ASP A 13 7.51 -3.06 4.51
C ASP A 13 6.08 -3.50 4.19
N PRO A 14 5.08 -2.84 4.78
CA PRO A 14 3.68 -3.21 4.51
C PRO A 14 3.48 -2.97 3.02
N HIS A 15 3.16 -4.03 2.29
CA HIS A 15 2.98 -4.01 0.85
C HIS A 15 1.60 -3.52 0.39
N VAL A 16 1.60 -2.66 -0.63
CA VAL A 16 0.35 -2.14 -1.17
C VAL A 16 -0.54 -3.31 -1.66
N GLY A 17 0.08 -4.40 -2.08
CA GLY A 17 -0.71 -5.53 -2.54
C GLY A 17 -1.46 -6.18 -1.38
N THR A 18 -0.94 -6.04 -0.17
CA THR A 18 -1.63 -6.65 0.96
C THR A 18 -2.89 -5.82 1.24
N ALA A 19 -2.79 -4.50 1.06
CA ALA A 19 -3.94 -3.62 1.30
C ALA A 19 -5.02 -3.91 0.25
N TYR A 20 -4.58 -4.16 -0.98
CA TYR A 20 -5.48 -4.44 -2.09
C TYR A 20 -6.28 -5.71 -1.76
N ILE A 21 -5.58 -6.76 -1.36
CA ILE A 21 -6.25 -8.01 -0.99
C ILE A 21 -7.11 -7.81 0.28
N ALA A 22 -6.55 -7.10 1.28
CA ALA A 22 -7.26 -6.85 2.55
C ALA A 22 -8.60 -6.14 2.29
N LEU A 23 -8.56 -5.14 1.42
CA LEU A 23 -9.76 -4.36 1.08
C LEU A 23 -10.91 -5.21 0.57
N PHE A 24 -10.63 -6.14 -0.34
CA PHE A 24 -11.70 -6.94 -0.85
C PHE A 24 -12.19 -7.96 0.18
N ASN A 25 -11.28 -8.42 1.03
CA ASN A 25 -11.70 -9.36 2.09
C ASN A 25 -12.62 -8.67 3.10
N TYR A 26 -12.26 -7.46 3.48
CA TYR A 26 -13.05 -6.65 4.40
C TYR A 26 -14.41 -6.34 3.77
N ALA A 27 -14.40 -5.90 2.52
CA ALA A 27 -15.65 -5.56 1.83
C ALA A 27 -16.58 -6.77 1.69
N TRP A 28 -16.05 -7.92 1.29
CA TRP A 28 -16.90 -9.11 1.18
C TRP A 28 -17.48 -9.51 2.55
N ALA A 29 -16.68 -9.40 3.62
CA ALA A 29 -17.24 -9.76 4.91
C ALA A 29 -18.32 -8.76 5.35
N ARG A 30 -18.03 -7.45 5.27
CA ARG A 30 -19.00 -6.44 5.71
C ARG A 30 -20.33 -6.47 4.90
N ARG A 31 -20.24 -6.63 3.59
CA ARG A 31 -21.41 -6.70 2.73
C ARG A 31 -22.29 -7.88 3.15
N ASN A 32 -21.68 -8.91 3.72
CA ASN A 32 -22.41 -10.09 4.16
C ASN A 32 -22.70 -10.16 5.67
N GLY A 33 -22.40 -9.11 6.40
CA GLY A 33 -22.67 -9.13 7.84
C GLY A 33 -21.78 -10.12 8.57
N GLY A 34 -20.68 -10.53 7.93
CA GLY A 34 -19.78 -11.48 8.55
C GLY A 34 -18.57 -10.91 9.27
N ARG A 35 -17.51 -11.72 9.34
CA ARG A 35 -16.29 -11.34 10.04
C ARG A 35 -15.06 -11.35 9.13
N PHE A 36 -14.15 -10.43 9.42
CA PHE A 36 -12.90 -10.24 8.70
C PHE A 36 -11.77 -10.34 9.73
N ILE A 37 -10.90 -11.34 9.57
CA ILE A 37 -9.83 -11.54 10.54
C ILE A 37 -8.41 -11.42 9.99
N VAL A 38 -7.46 -11.26 10.89
CA VAL A 38 -6.06 -11.12 10.54
C VAL A 38 -5.25 -12.28 11.10
N ARG A 39 -4.54 -12.99 10.22
CA ARG A 39 -3.66 -14.05 10.69
C ARG A 39 -2.23 -13.75 10.20
N ILE A 40 -1.28 -13.62 11.12
CA ILE A 40 0.10 -13.31 10.77
C ILE A 40 0.83 -14.61 10.43
N GLU A 41 1.38 -14.68 9.22
CA GLU A 41 2.09 -15.90 8.80
C GLU A 41 3.57 -15.56 8.93
N ASP A 42 4.08 -15.81 10.13
CA ASP A 42 5.44 -15.44 10.47
C ASP A 42 6.40 -16.56 10.81
N THR A 43 6.26 -17.69 10.13
CA THR A 43 7.14 -18.82 10.35
C THR A 43 8.52 -18.72 9.64
N ASP A 44 8.69 -17.78 8.72
CA ASP A 44 9.99 -17.63 8.04
C ASP A 44 10.90 -16.85 8.96
N ARG A 45 11.45 -17.57 9.93
CA ARG A 45 12.33 -16.97 10.91
C ARG A 45 13.51 -16.30 10.26
N ALA A 46 13.81 -16.72 9.03
CA ALA A 46 14.91 -16.13 8.27
C ALA A 46 14.52 -14.75 7.75
N ARG A 47 13.32 -14.61 7.23
CA ARG A 47 12.89 -13.31 6.68
C ARG A 47 12.18 -12.40 7.66
N TYR A 48 12.01 -12.85 8.89
CA TYR A 48 11.32 -12.06 9.90
C TYR A 48 11.94 -10.68 10.16
N VAL A 49 11.12 -9.64 10.06
CA VAL A 49 11.60 -8.29 10.31
C VAL A 49 10.88 -7.70 11.53
N PRO A 50 11.63 -7.48 12.62
CA PRO A 50 11.05 -6.93 13.85
C PRO A 50 10.37 -5.59 13.59
N GLY A 51 9.08 -5.51 13.88
CA GLY A 51 8.34 -4.28 13.68
C GLY A 51 7.50 -4.36 12.42
N ALA A 52 7.76 -5.36 11.60
CA ALA A 52 7.04 -5.56 10.35
C ALA A 52 5.57 -5.94 10.59
N GLU A 53 5.30 -6.75 11.62
CA GLU A 53 3.92 -7.11 11.90
C GLU A 53 3.18 -5.85 12.32
N GLU A 54 3.78 -5.09 13.22
CA GLU A 54 3.14 -3.88 13.70
C GLU A 54 2.87 -2.85 12.62
N ARG A 55 3.79 -2.74 11.66
CA ARG A 55 3.62 -1.78 10.59
C ARG A 55 2.47 -2.21 9.65
N ILE A 56 2.36 -3.50 9.36
CA ILE A 56 1.27 -3.96 8.49
C ILE A 56 -0.08 -3.74 9.20
N LEU A 57 -0.13 -4.06 10.49
CA LEU A 57 -1.38 -3.88 11.24
C LEU A 57 -1.76 -2.38 11.28
N ALA A 58 -0.77 -1.54 11.50
CA ALA A 58 -0.97 -0.09 11.57
C ALA A 58 -1.48 0.42 10.22
N ALA A 59 -0.85 -0.08 9.15
CA ALA A 59 -1.22 0.28 7.78
C ALA A 59 -2.68 -0.08 7.45
N LEU A 60 -3.13 -1.26 7.86
CA LEU A 60 -4.53 -1.62 7.59
C LEU A 60 -5.46 -0.64 8.37
N LYS A 61 -5.08 -0.30 9.59
CA LYS A 61 -5.93 0.62 10.37
C LYS A 61 -5.88 2.03 9.78
N TRP A 62 -4.70 2.44 9.34
CA TRP A 62 -4.54 3.74 8.72
C TRP A 62 -5.55 3.83 7.54
N LEU A 63 -5.68 2.76 6.77
CA LEU A 63 -6.63 2.78 5.65
C LEU A 63 -8.10 2.50 6.06
N GLY A 64 -8.40 2.34 7.35
CA GLY A 64 -9.77 2.07 7.77
C GLY A 64 -10.29 0.63 7.64
N LEU A 65 -9.40 -0.33 7.41
CA LEU A 65 -9.78 -1.74 7.25
C LEU A 65 -9.78 -2.49 8.57
N SER A 66 -10.71 -2.11 9.47
CA SER A 66 -10.79 -2.71 10.78
C SER A 66 -11.02 -4.22 10.71
N TYR A 67 -10.41 -4.95 11.60
CA TYR A 67 -10.59 -6.40 11.61
C TYR A 67 -11.14 -6.84 12.95
N ASP A 68 -11.73 -8.03 12.98
CA ASP A 68 -12.43 -8.55 14.15
C ASP A 68 -11.72 -9.53 15.07
N GLU A 69 -10.65 -10.15 14.57
CA GLU A 69 -9.85 -11.09 15.35
C GLU A 69 -8.42 -10.91 14.82
N GLY A 70 -7.42 -11.04 15.69
CA GLY A 70 -6.06 -10.86 15.23
C GLY A 70 -5.08 -10.93 16.39
N PRO A 71 -3.77 -10.78 16.13
CA PRO A 71 -2.77 -10.86 17.19
C PRO A 71 -2.95 -9.82 18.29
N ASP A 72 -3.29 -8.58 17.93
CA ASP A 72 -3.45 -7.56 18.96
C ASP A 72 -4.85 -7.51 19.59
N VAL A 73 -5.89 -7.67 18.79
CA VAL A 73 -7.25 -7.64 19.32
C VAL A 73 -7.65 -8.98 19.96
N GLY A 74 -6.91 -10.04 19.64
CA GLY A 74 -7.24 -11.35 20.16
C GLY A 74 -8.43 -11.93 19.39
N GLY A 75 -9.11 -12.92 19.95
CA GLY A 75 -10.22 -13.55 19.26
C GLY A 75 -10.49 -14.94 19.81
N PRO A 76 -11.61 -15.57 19.44
CA PRO A 76 -11.95 -16.91 19.95
C PRO A 76 -11.26 -18.13 19.35
N HIS A 77 -10.46 -17.93 18.30
CA HIS A 77 -9.78 -19.08 17.66
C HIS A 77 -8.31 -18.87 17.40
N GLY A 78 -7.65 -18.20 18.35
CA GLY A 78 -6.23 -17.96 18.21
C GLY A 78 -5.42 -19.13 18.69
N PRO A 79 -4.10 -18.98 18.84
CA PRO A 79 -3.32 -17.77 18.58
C PRO A 79 -3.46 -17.32 17.12
N TYR A 80 -3.18 -16.05 16.86
CA TYR A 80 -3.28 -15.50 15.52
C TYR A 80 -1.95 -15.28 14.79
N ARG A 81 -0.85 -15.81 15.34
CA ARG A 81 0.46 -15.75 14.71
C ARG A 81 0.81 -17.24 14.45
N GLN A 82 1.15 -17.59 13.22
CA GLN A 82 1.46 -19.00 12.97
C GLN A 82 2.69 -19.46 13.78
N SER A 83 3.59 -18.54 14.14
CA SER A 83 4.77 -18.92 14.95
C SER A 83 4.33 -19.45 16.33
N GLU A 84 3.07 -19.21 16.68
CA GLU A 84 2.53 -19.65 17.96
C GLU A 84 1.69 -20.92 17.83
N ARG A 85 1.66 -21.53 16.66
CA ARG A 85 0.86 -22.75 16.52
C ARG A 85 1.67 -23.90 15.89
N LEU A 86 2.99 -23.77 15.94
CA LEU A 86 3.87 -24.76 15.35
C LEU A 86 3.52 -26.19 15.76
N PRO A 87 3.05 -26.38 17.01
CA PRO A 87 2.68 -27.72 17.48
C PRO A 87 1.47 -28.28 16.75
N LEU A 88 0.56 -27.39 16.33
CA LEU A 88 -0.65 -27.84 15.62
C LEU A 88 -0.29 -28.42 14.24
N TYR A 89 0.58 -27.75 13.50
CA TYR A 89 0.95 -28.25 12.17
C TYR A 89 1.63 -29.63 12.28
N GLN A 90 2.52 -29.80 13.27
CA GLN A 90 3.21 -31.08 13.46
C GLN A 90 2.19 -32.18 13.75
N LYS A 91 1.24 -31.91 14.63
CA LYS A 91 0.22 -32.89 14.93
C LYS A 91 -0.71 -33.20 13.73
N TYR A 92 -1.01 -32.20 12.92
CA TYR A 92 -1.86 -32.46 11.77
C TYR A 92 -1.07 -33.21 10.70
N ALA A 93 0.23 -32.91 10.59
CA ALA A 93 1.06 -33.64 9.63
C ALA A 93 1.10 -35.12 10.05
N GLU A 94 1.23 -35.39 11.36
CA GLU A 94 1.26 -36.79 11.84
C GLU A 94 -0.08 -37.50 11.54
N GLU A 95 -1.19 -36.75 11.63
CA GLU A 95 -2.50 -37.31 11.31
C GLU A 95 -2.55 -37.73 9.81
N LEU A 96 -1.90 -36.96 8.93
CA LEU A 96 -1.89 -37.31 7.48
C LEU A 96 -1.11 -38.61 7.30
N LEU A 97 -0.01 -38.72 8.04
CA LEU A 97 0.81 -39.93 7.99
C LEU A 97 -0.10 -41.13 8.37
N LYS A 98 -0.89 -40.99 9.43
CA LYS A 98 -1.76 -42.09 9.85
C LYS A 98 -2.83 -42.48 8.86
N ARG A 99 -3.25 -41.54 8.03
CA ARG A 99 -4.31 -41.84 7.07
C ARG A 99 -3.78 -42.34 5.75
N GLY A 100 -2.47 -42.28 5.57
CA GLY A 100 -1.88 -42.72 4.32
C GLY A 100 -1.84 -41.57 3.30
N TRP A 101 -2.04 -40.35 3.77
CA TRP A 101 -2.03 -39.18 2.91
C TRP A 101 -0.73 -38.39 2.91
N ALA A 102 0.26 -38.84 3.70
CA ALA A 102 1.57 -38.20 3.80
C ALA A 102 2.60 -39.30 4.03
N TYR A 103 3.88 -38.98 3.82
CA TYR A 103 4.95 -39.90 4.05
C TYR A 103 6.20 -39.13 4.36
N ARG A 104 7.09 -39.77 5.09
CA ARG A 104 8.37 -39.20 5.47
C ARG A 104 9.37 -39.43 4.35
N ALA A 105 10.11 -38.40 3.99
CA ALA A 105 11.11 -38.53 2.94
C ALA A 105 12.44 -38.02 3.49
N PHE A 106 13.45 -38.86 3.33
CA PHE A 106 14.78 -38.64 3.88
C PHE A 106 15.91 -38.14 2.99
N GLU A 107 15.64 -37.81 1.73
CA GLU A 107 16.69 -37.36 0.82
C GLU A 107 17.45 -36.08 1.24
N THR A 108 18.77 -36.09 1.05
CA THR A 108 19.62 -34.93 1.35
C THR A 108 19.43 -33.98 0.19
N PRO A 109 19.87 -32.71 0.34
CA PRO A 109 19.72 -31.77 -0.77
C PRO A 109 20.48 -32.23 -2.02
N GLU A 110 21.63 -32.89 -1.84
CA GLU A 110 22.40 -33.36 -3.00
C GLU A 110 21.59 -34.40 -3.77
N GLU A 111 20.93 -35.29 -3.03
CA GLU A 111 20.09 -36.31 -3.66
C GLU A 111 18.89 -35.66 -4.40
N LEU A 112 18.19 -34.76 -3.74
CA LEU A 112 17.05 -34.08 -4.34
C LEU A 112 17.47 -33.38 -5.63
N GLU A 113 18.66 -32.79 -5.65
CA GLU A 113 19.13 -32.11 -6.86
C GLU A 113 19.38 -33.13 -7.99
N GLN A 114 19.96 -34.29 -7.67
CA GLN A 114 20.21 -35.33 -8.70
C GLN A 114 18.86 -35.86 -9.21
N ILE A 115 17.91 -36.08 -8.30
CA ILE A 115 16.58 -36.61 -8.69
C ILE A 115 15.82 -35.60 -9.56
N ARG A 116 15.95 -34.32 -9.21
CA ARG A 116 15.32 -33.23 -9.94
C ARG A 116 15.86 -33.18 -11.38
N LYS A 117 17.14 -33.49 -11.53
CA LYS A 117 17.77 -33.48 -12.85
C LYS A 117 17.38 -34.72 -13.64
N GLU A 118 17.29 -35.84 -12.95
CA GLU A 118 16.96 -37.11 -13.56
C GLU A 118 15.50 -37.23 -13.96
N LYS A 119 14.61 -36.86 -13.04
CA LYS A 119 13.17 -36.97 -13.23
C LYS A 119 12.43 -35.69 -13.54
N GLY A 120 13.01 -34.52 -13.24
CA GLY A 120 12.32 -33.27 -13.49
C GLY A 120 11.72 -32.68 -12.22
N GLY A 121 11.62 -33.50 -11.18
CA GLY A 121 11.06 -33.06 -9.89
C GLY A 121 11.20 -34.25 -8.96
N TYR A 122 10.83 -34.13 -7.69
CA TYR A 122 10.94 -35.27 -6.80
C TYR A 122 9.94 -36.31 -7.25
N ASP A 123 10.35 -37.55 -7.34
CA ASP A 123 9.44 -38.55 -7.88
C ASP A 123 8.67 -39.43 -6.92
N GLY A 124 8.68 -39.07 -5.63
CA GLY A 124 7.95 -39.82 -4.64
C GLY A 124 8.53 -41.18 -4.27
N ARG A 125 9.78 -41.40 -4.61
CA ARG A 125 10.39 -42.71 -4.33
C ARG A 125 10.34 -43.11 -2.84
N ALA A 126 10.28 -42.15 -1.91
CA ALA A 126 10.22 -42.51 -0.48
C ALA A 126 8.90 -43.17 -0.12
N ARG A 127 7.90 -43.09 -1.00
CA ARG A 127 6.64 -43.77 -0.69
C ARG A 127 6.89 -45.29 -0.66
N ASN A 128 7.99 -45.76 -1.27
CA ASN A 128 8.25 -47.20 -1.28
C ASN A 128 9.05 -47.71 -0.09
N ILE A 129 9.26 -46.84 0.90
CA ILE A 129 9.98 -47.26 2.10
C ILE A 129 8.90 -47.88 2.97
N PRO A 130 9.16 -49.06 3.58
CA PRO A 130 8.15 -49.67 4.44
C PRO A 130 7.78 -48.62 5.51
N PRO A 131 6.49 -48.37 5.77
CA PRO A 131 6.12 -47.35 6.77
C PRO A 131 6.78 -47.59 8.12
N GLU A 132 6.89 -48.84 8.58
CA GLU A 132 7.51 -49.05 9.88
C GLU A 132 8.99 -48.69 9.87
N GLU A 133 9.64 -48.88 8.72
CA GLU A 133 11.05 -48.52 8.63
C GLU A 133 11.16 -46.97 8.66
N ALA A 134 10.27 -46.26 7.95
CA ALA A 134 10.33 -44.79 7.96
C ALA A 134 10.14 -44.28 9.40
N GLU A 135 9.18 -44.84 10.13
CA GLU A 135 8.95 -44.40 11.50
C GLU A 135 10.17 -44.64 12.36
N GLU A 136 10.84 -45.79 12.16
CA GLU A 136 12.03 -46.09 12.96
C GLU A 136 13.21 -45.16 12.63
N ARG A 137 13.38 -44.81 11.36
CA ARG A 137 14.44 -43.89 10.97
C ARG A 137 14.16 -42.51 11.55
N ALA A 138 12.88 -42.11 11.63
CA ALA A 138 12.52 -40.81 12.18
C ALA A 138 12.79 -40.85 13.67
N ARG A 139 12.40 -41.95 14.30
CA ARG A 139 12.61 -42.12 15.73
C ARG A 139 14.09 -42.03 16.11
N ARG A 140 14.97 -42.53 15.24
CA ARG A 140 16.41 -42.49 15.52
C ARG A 140 17.01 -41.13 15.27
N GLY A 141 16.18 -40.18 14.86
CA GLY A 141 16.65 -38.83 14.61
C GLY A 141 17.13 -38.49 13.21
N GLU A 142 16.89 -39.37 12.24
CA GLU A 142 17.32 -39.05 10.89
C GLU A 142 16.50 -37.86 10.37
N PRO A 143 17.16 -36.84 9.76
CA PRO A 143 16.48 -35.64 9.22
C PRO A 143 15.58 -35.98 8.05
N HIS A 144 14.41 -35.35 8.00
CA HIS A 144 13.49 -35.64 6.90
C HIS A 144 12.35 -34.64 6.87
N VAL A 145 11.61 -34.68 5.77
CA VAL A 145 10.44 -33.85 5.56
C VAL A 145 9.22 -34.78 5.47
N ILE A 146 8.04 -34.21 5.61
CA ILE A 146 6.79 -34.96 5.46
C ILE A 146 6.18 -34.39 4.18
N ARG A 147 5.89 -35.28 3.22
CA ARG A 147 5.33 -34.87 1.95
C ARG A 147 3.92 -35.35 1.77
N LEU A 148 3.19 -34.63 0.91
CA LEU A 148 1.81 -34.96 0.60
C LEU A 148 1.86 -36.20 -0.30
N LYS A 149 1.04 -37.19 -0.03
CA LYS A 149 1.05 -38.38 -0.90
C LYS A 149 -0.14 -38.22 -1.89
N VAL A 150 0.11 -37.55 -3.01
CA VAL A 150 -0.89 -37.31 -4.05
C VAL A 150 -1.33 -38.69 -4.69
N PRO A 151 -2.63 -38.89 -4.97
CA PRO A 151 -3.10 -40.13 -5.59
C PRO A 151 -2.50 -40.26 -7.01
N ARG A 152 -1.82 -41.36 -7.28
CA ARG A 152 -1.17 -41.60 -8.59
C ARG A 152 -1.79 -42.92 -9.06
N PRO A 153 -2.52 -42.93 -10.19
CA PRO A 153 -2.81 -41.77 -11.04
C PRO A 153 -4.08 -41.19 -10.48
N GLY A 154 -4.47 -40.01 -10.95
CA GLY A 154 -5.72 -39.42 -10.48
C GLY A 154 -5.95 -38.05 -11.04
N THR A 155 -7.06 -37.41 -10.62
CA THR A 155 -7.32 -36.05 -11.07
C THR A 155 -7.93 -35.28 -9.90
N THR A 156 -7.84 -33.97 -9.93
CA THR A 156 -8.34 -33.13 -8.84
C THR A 156 -9.02 -31.93 -9.48
N GLU A 157 -10.24 -31.63 -9.04
CA GLU A 157 -10.98 -30.52 -9.62
C GLU A 157 -11.02 -29.37 -8.61
N VAL A 158 -10.80 -28.16 -9.10
CA VAL A 158 -10.78 -26.96 -8.25
C VAL A 158 -11.73 -25.88 -8.78
N LYS A 159 -12.59 -25.36 -7.91
CA LYS A 159 -13.46 -24.29 -8.38
C LYS A 159 -13.01 -22.94 -7.85
N ASP A 160 -12.78 -22.01 -8.77
CA ASP A 160 -12.46 -20.65 -8.40
C ASP A 160 -13.78 -19.94 -8.71
N GLU A 161 -14.32 -19.20 -7.74
CA GLU A 161 -15.59 -18.50 -7.91
C GLU A 161 -15.65 -17.46 -9.06
N LEU A 162 -14.50 -16.90 -9.41
CA LEU A 162 -14.48 -15.88 -10.45
C LEU A 162 -14.08 -16.43 -11.80
N ARG A 163 -13.23 -17.46 -11.78
CA ARG A 163 -12.71 -18.07 -13.00
C ARG A 163 -13.33 -19.41 -13.44
N GLY A 164 -14.02 -20.11 -12.56
CA GLY A 164 -14.61 -21.38 -12.96
C GLY A 164 -13.79 -22.59 -12.52
N VAL A 165 -14.24 -23.77 -12.95
CA VAL A 165 -13.65 -25.06 -12.62
C VAL A 165 -12.46 -25.46 -13.48
N VAL A 166 -11.37 -25.86 -12.82
CA VAL A 166 -10.19 -26.36 -13.55
C VAL A 166 -10.00 -27.84 -13.16
N VAL A 167 -9.83 -28.70 -14.15
CA VAL A 167 -9.58 -30.11 -13.88
C VAL A 167 -8.07 -30.38 -14.08
N TYR A 168 -7.39 -30.72 -12.98
CA TYR A 168 -5.96 -31.02 -13.00
C TYR A 168 -5.68 -32.52 -13.06
N ASP A 169 -4.73 -32.91 -13.88
CA ASP A 169 -4.33 -34.31 -13.88
C ASP A 169 -3.40 -34.34 -12.66
N ASN A 170 -3.55 -35.30 -11.77
CA ASN A 170 -2.65 -35.34 -10.62
C ASN A 170 -1.16 -35.29 -11.00
N GLN A 171 -0.82 -35.69 -12.24
CA GLN A 171 0.57 -35.64 -12.68
C GLN A 171 1.15 -34.24 -12.62
N GLU A 172 0.30 -33.22 -12.62
CA GLU A 172 0.77 -31.84 -12.55
C GLU A 172 1.00 -31.38 -11.10
N ILE A 173 0.57 -32.21 -10.17
CA ILE A 173 0.69 -31.89 -8.74
C ILE A 173 1.79 -32.68 -8.05
N PRO A 174 2.85 -32.01 -7.59
CA PRO A 174 3.96 -32.74 -6.92
C PRO A 174 3.58 -33.16 -5.48
N ASP A 175 4.37 -34.10 -4.92
CA ASP A 175 4.21 -34.57 -3.55
C ASP A 175 4.91 -33.47 -2.74
N VAL A 176 4.26 -32.33 -2.61
CA VAL A 176 4.86 -31.17 -1.92
C VAL A 176 5.23 -31.40 -0.47
N VAL A 177 6.27 -30.70 -0.01
CA VAL A 177 6.69 -30.80 1.39
C VAL A 177 5.57 -30.08 2.16
N LEU A 178 5.13 -30.70 3.26
CA LEU A 178 4.10 -30.17 4.13
C LEU A 178 4.77 -29.72 5.43
N LEU A 179 5.70 -30.54 5.93
CA LEU A 179 6.42 -30.24 7.16
C LEU A 179 7.92 -30.33 6.84
N LYS A 180 8.65 -29.25 7.14
CA LYS A 180 10.07 -29.18 6.93
C LYS A 180 10.91 -29.93 7.99
N SER A 181 12.19 -30.18 7.67
CA SER A 181 13.07 -30.94 8.58
C SER A 181 13.34 -30.20 9.88
N ASP A 182 13.06 -28.89 9.90
CA ASP A 182 13.24 -28.13 11.12
C ASP A 182 11.93 -28.13 11.93
N GLY A 183 10.93 -28.89 11.48
CA GLY A 183 9.66 -28.98 12.20
C GLY A 183 8.67 -27.85 11.89
N TYR A 184 9.04 -26.96 10.97
CA TYR A 184 8.18 -25.84 10.58
C TYR A 184 7.31 -26.24 9.38
N PRO A 185 6.08 -25.74 9.30
CA PRO A 185 5.23 -26.12 8.16
C PRO A 185 5.55 -25.33 6.88
N THR A 186 5.03 -25.81 5.77
CA THR A 186 5.15 -25.07 4.53
C THR A 186 3.79 -24.36 4.48
N TYR A 187 3.68 -23.38 3.59
CA TYR A 187 2.44 -22.64 3.39
C TYR A 187 1.24 -23.57 3.14
N HIS A 188 1.42 -24.60 2.31
CA HIS A 188 0.31 -25.50 1.98
C HIS A 188 -0.38 -26.14 3.18
N LEU A 189 0.41 -26.66 4.11
CA LEU A 189 -0.17 -27.26 5.31
C LEU A 189 -0.78 -26.19 6.23
N ALA A 190 -0.04 -25.11 6.50
CA ALA A 190 -0.57 -24.10 7.41
C ALA A 190 -1.82 -23.39 6.91
N ASN A 191 -1.91 -23.08 5.62
CA ASN A 191 -3.07 -22.32 5.17
C ASN A 191 -4.33 -23.13 5.37
N VAL A 192 -4.25 -24.41 5.03
CA VAL A 192 -5.40 -25.27 5.18
C VAL A 192 -5.80 -25.53 6.64
N VAL A 193 -4.83 -25.88 7.47
CA VAL A 193 -5.12 -26.16 8.88
C VAL A 193 -5.72 -24.90 9.56
N ASP A 194 -5.14 -23.73 9.29
CA ASP A 194 -5.62 -22.50 9.91
C ASP A 194 -6.91 -21.92 9.36
N ASP A 195 -7.14 -22.02 8.06
CA ASP A 195 -8.39 -21.50 7.51
C ASP A 195 -9.51 -22.38 8.06
N HIS A 196 -9.23 -23.65 8.21
CA HIS A 196 -10.24 -24.57 8.72
C HIS A 196 -10.53 -24.28 10.19
N LEU A 197 -9.47 -24.16 10.98
CA LEU A 197 -9.63 -23.96 12.41
C LEU A 197 -10.16 -22.58 12.77
N MET A 198 -9.82 -21.58 11.95
CA MET A 198 -10.30 -20.23 12.18
C MET A 198 -11.70 -20.06 11.58
N GLY A 199 -12.23 -21.10 10.93
CA GLY A 199 -13.57 -20.97 10.38
C GLY A 199 -13.73 -20.12 9.11
N VAL A 200 -12.65 -19.98 8.35
CA VAL A 200 -12.73 -19.19 7.12
C VAL A 200 -13.63 -19.88 6.07
N THR A 201 -14.60 -19.15 5.56
CA THR A 201 -15.52 -19.71 4.58
C THR A 201 -15.23 -19.27 3.15
N ASP A 202 -14.62 -18.09 3.03
CA ASP A 202 -14.32 -17.47 1.74
C ASP A 202 -12.85 -17.04 1.75
N VAL A 203 -12.04 -17.73 0.96
CA VAL A 203 -10.63 -17.47 0.86
C VAL A 203 -10.45 -16.58 -0.37
N ILE A 204 -10.12 -15.31 -0.12
CA ILE A 204 -9.90 -14.32 -1.20
C ILE A 204 -8.40 -13.98 -1.09
N ARG A 205 -7.62 -14.37 -2.11
CA ARG A 205 -6.17 -14.15 -2.09
C ARG A 205 -5.62 -13.81 -3.50
N ALA A 206 -4.33 -13.56 -3.56
CA ALA A 206 -3.68 -13.15 -4.81
C ALA A 206 -3.64 -14.23 -5.91
N GLU A 207 -3.66 -13.78 -7.17
CA GLU A 207 -3.65 -14.66 -8.33
C GLU A 207 -2.55 -15.73 -8.29
N GLU A 208 -1.36 -15.34 -7.83
CA GLU A 208 -0.23 -16.24 -7.72
C GLU A 208 -0.57 -17.55 -6.97
N TRP A 209 -1.59 -17.54 -6.12
CA TRP A 209 -1.92 -18.76 -5.36
C TRP A 209 -2.86 -19.69 -6.08
N LEU A 210 -3.45 -19.20 -7.16
CA LEU A 210 -4.41 -19.98 -7.93
C LEU A 210 -3.99 -21.42 -8.28
N VAL A 211 -2.77 -21.58 -8.79
CA VAL A 211 -2.33 -22.92 -9.19
C VAL A 211 -1.94 -23.82 -8.03
N SER A 212 -1.85 -23.27 -6.83
CA SER A 212 -1.53 -24.08 -5.65
C SER A 212 -2.81 -24.67 -5.04
N THR A 213 -3.95 -24.13 -5.47
CA THR A 213 -5.23 -24.58 -4.92
C THR A 213 -5.51 -26.09 -5.00
N PRO A 214 -5.11 -26.80 -6.09
CA PRO A 214 -5.41 -28.24 -6.06
C PRO A 214 -4.70 -28.96 -4.89
N ILE A 215 -3.52 -28.48 -4.49
CA ILE A 215 -2.82 -29.08 -3.34
C ILE A 215 -3.73 -28.88 -2.12
N HIS A 216 -4.26 -27.66 -1.97
CA HIS A 216 -5.13 -27.36 -0.85
C HIS A 216 -6.41 -28.20 -0.84
N VAL A 217 -7.03 -28.37 -2.01
CA VAL A 217 -8.24 -29.17 -2.13
C VAL A 217 -7.93 -30.61 -1.69
N LEU A 218 -6.75 -31.12 -2.08
CA LEU A 218 -6.35 -32.48 -1.70
C LEU A 218 -6.19 -32.56 -0.18
N LEU A 219 -5.64 -31.51 0.43
CA LEU A 219 -5.46 -31.49 1.88
C LEU A 219 -6.81 -31.46 2.58
N TYR A 220 -7.74 -30.61 2.11
CA TYR A 220 -9.05 -30.61 2.75
C TYR A 220 -9.67 -32.00 2.65
N ARG A 221 -9.55 -32.62 1.48
CA ARG A 221 -10.08 -33.96 1.28
C ARG A 221 -9.40 -34.93 2.25
N ALA A 222 -8.07 -34.86 2.36
CA ALA A 222 -7.33 -35.76 3.25
C ALA A 222 -7.77 -35.72 4.72
N PHE A 223 -8.03 -34.52 5.23
CA PHE A 223 -8.47 -34.34 6.62
C PHE A 223 -9.97 -34.60 6.79
N GLY A 224 -10.69 -34.73 5.69
CA GLY A 224 -12.12 -34.95 5.74
C GLY A 224 -12.83 -33.64 6.06
N TRP A 225 -12.27 -32.53 5.61
CA TRP A 225 -12.86 -31.21 5.89
C TRP A 225 -13.52 -30.61 4.67
N GLU A 226 -14.54 -29.78 4.90
CA GLU A 226 -15.23 -29.10 3.82
C GLU A 226 -14.36 -27.93 3.35
N ALA A 227 -14.15 -27.86 2.05
CA ALA A 227 -13.33 -26.79 1.47
C ALA A 227 -14.13 -25.48 1.41
N PRO A 228 -13.45 -24.34 1.60
CA PRO A 228 -14.15 -23.06 1.54
C PRO A 228 -14.26 -22.62 0.07
N ARG A 229 -14.90 -21.49 -0.16
CA ARG A 229 -14.98 -20.96 -1.53
C ARG A 229 -13.64 -20.24 -1.74
N PHE A 230 -13.13 -20.30 -2.97
CA PHE A 230 -11.87 -19.68 -3.37
C PHE A 230 -12.08 -18.54 -4.40
N TYR A 231 -11.48 -17.38 -4.15
CA TYR A 231 -11.57 -16.28 -5.08
C TYR A 231 -10.17 -15.77 -5.28
N HIS A 232 -9.63 -15.95 -6.46
CA HIS A 232 -8.30 -15.45 -6.73
C HIS A 232 -8.42 -14.09 -7.45
N MET A 233 -7.91 -13.06 -6.79
CA MET A 233 -8.01 -11.69 -7.28
C MET A 233 -7.14 -11.46 -8.51
N PRO A 234 -7.58 -10.57 -9.41
CA PRO A 234 -6.81 -10.25 -10.62
C PRO A 234 -5.46 -9.73 -10.13
N LEU A 235 -4.43 -9.96 -10.93
CA LEU A 235 -3.06 -9.55 -10.66
C LEU A 235 -2.87 -8.04 -10.61
N LEU A 236 -2.18 -7.55 -9.57
CA LEU A 236 -1.92 -6.10 -9.44
C LEU A 236 -0.71 -5.84 -10.35
N ARG A 237 -0.82 -4.87 -11.25
CA ARG A 237 0.25 -4.59 -12.22
C ARG A 237 0.97 -3.26 -12.22
N ASN A 238 2.19 -3.30 -12.76
CA ASN A 238 2.99 -2.11 -12.95
C ASN A 238 2.34 -1.50 -14.19
N PRO A 239 2.67 -0.23 -14.51
CA PRO A 239 2.07 0.38 -15.70
C PRO A 239 2.38 -0.40 -17.00
N ASP A 240 3.51 -1.07 -17.04
CA ASP A 240 3.86 -1.82 -18.26
C ASP A 240 3.18 -3.17 -18.35
N LYS A 241 2.17 -3.39 -17.50
CA LYS A 241 1.39 -4.63 -17.46
C LYS A 241 2.06 -5.82 -16.77
N THR A 242 3.30 -5.66 -16.33
CA THR A 242 3.99 -6.71 -15.63
C THR A 242 3.53 -6.71 -14.16
N LYS A 243 3.62 -7.86 -13.49
CA LYS A 243 3.25 -8.00 -12.08
C LYS A 243 3.94 -6.92 -11.24
N ILE A 244 3.14 -6.10 -10.53
CA ILE A 244 3.70 -5.01 -9.72
C ILE A 244 4.98 -5.36 -8.94
N SER A 245 6.01 -4.51 -9.10
CA SER A 245 7.33 -4.73 -8.47
C SER A 245 7.93 -3.42 -7.95
N LYS A 246 8.78 -3.52 -6.93
CA LYS A 246 9.38 -2.31 -6.34
C LYS A 246 10.39 -1.66 -7.26
N ARG A 247 10.76 -2.38 -8.30
CA ARG A 247 11.70 -1.89 -9.29
C ARG A 247 11.02 -0.90 -10.24
N LYS A 248 9.72 -1.05 -10.47
CA LYS A 248 9.01 -0.12 -11.34
C LYS A 248 7.82 0.62 -10.72
N SER A 249 7.52 0.35 -9.44
CA SER A 249 6.41 0.99 -8.74
C SER A 249 6.74 1.08 -7.26
N HIS A 250 6.20 2.08 -6.57
CA HIS A 250 6.40 2.18 -5.13
C HIS A 250 5.38 1.19 -4.57
N THR A 251 5.83 0.26 -3.72
CA THR A 251 4.94 -0.76 -3.16
C THR A 251 4.76 -0.70 -1.65
N SER A 252 5.51 0.17 -1.00
CA SER A 252 5.41 0.26 0.44
C SER A 252 4.35 1.25 0.86
N LEU A 253 3.40 0.77 1.66
CA LEU A 253 2.29 1.59 2.20
C LEU A 253 2.84 2.69 3.10
N ASP A 254 4.03 2.48 3.66
CA ASP A 254 4.60 3.51 4.51
C ASP A 254 5.14 4.63 3.61
N TRP A 255 5.52 4.28 2.38
CA TRP A 255 5.99 5.32 1.46
C TRP A 255 4.82 6.26 1.10
N TYR A 256 3.69 5.67 0.70
CA TYR A 256 2.52 6.48 0.35
C TYR A 256 2.13 7.40 1.51
N LYS A 257 2.18 6.84 2.72
CA LYS A 257 1.82 7.61 3.90
C LYS A 257 2.79 8.77 4.14
N ALA A 258 4.10 8.48 4.12
CA ALA A 258 5.13 9.49 4.35
C ALA A 258 5.13 10.57 3.27
N GLU A 259 4.70 10.21 2.06
CA GLU A 259 4.66 11.18 0.98
C GLU A 259 3.43 12.06 1.01
N GLY A 260 2.49 11.80 1.90
CA GLY A 260 1.32 12.66 1.92
C GLY A 260 0.13 12.20 1.10
N PHE A 261 0.03 10.89 0.85
CA PHE A 261 -1.13 10.39 0.15
C PHE A 261 -2.15 10.19 1.28
N LEU A 262 -3.38 10.66 1.08
CA LEU A 262 -4.40 10.50 2.10
C LEU A 262 -4.87 9.05 2.07
N PRO A 263 -5.11 8.44 3.24
CA PRO A 263 -5.58 7.05 3.31
C PRO A 263 -6.91 6.82 2.57
N GLU A 264 -7.81 7.80 2.66
CA GLU A 264 -9.10 7.71 1.98
C GLU A 264 -8.95 7.67 0.45
N ALA A 265 -8.00 8.43 -0.06
CA ALA A 265 -7.74 8.51 -1.51
C ALA A 265 -7.08 7.21 -1.99
N LEU A 266 -6.05 6.75 -1.28
CA LEU A 266 -5.38 5.50 -1.63
C LEU A 266 -6.37 4.33 -1.54
N ARG A 267 -7.17 4.31 -0.47
CA ARG A 267 -8.16 3.26 -0.31
C ARG A 267 -9.15 3.31 -1.48
N ASN A 268 -9.64 4.50 -1.81
CA ASN A 268 -10.59 4.70 -2.93
C ASN A 268 -9.92 4.20 -4.23
N TYR A 269 -8.63 4.49 -4.41
CA TYR A 269 -7.95 4.05 -5.62
C TYR A 269 -7.90 2.52 -5.70
N LEU A 270 -7.54 1.86 -4.59
CA LEU A 270 -7.47 0.38 -4.52
C LEU A 270 -8.86 -0.23 -4.85
N CYS A 271 -9.94 0.48 -4.53
CA CYS A 271 -11.30 0.05 -4.86
C CYS A 271 -11.49 0.03 -6.39
N LEU A 272 -10.68 0.79 -7.12
CA LEU A 272 -10.86 0.82 -8.56
C LEU A 272 -9.97 -0.20 -9.22
N MET A 273 -9.12 -0.85 -8.42
CA MET A 273 -8.25 -1.86 -9.01
C MET A 273 -9.11 -2.99 -9.54
N GLY A 274 -9.56 -3.91 -8.71
CA GLY A 274 -10.38 -4.97 -9.26
C GLY A 274 -11.89 -4.73 -9.29
N PHE A 275 -12.33 -3.48 -9.44
CA PHE A 275 -13.75 -3.19 -9.38
C PHE A 275 -14.16 -1.89 -10.07
N SER A 276 -15.40 -1.86 -10.54
CA SER A 276 -15.96 -0.68 -11.18
C SER A 276 -17.37 -0.37 -10.63
N MET A 277 -17.67 0.91 -10.43
CA MET A 277 -18.98 1.27 -9.91
C MET A 277 -19.99 1.17 -11.08
N PRO A 278 -21.25 0.78 -10.78
CA PRO A 278 -22.23 0.68 -11.87
C PRO A 278 -22.33 1.96 -12.73
N ASP A 279 -22.45 3.11 -12.07
CA ASP A 279 -22.55 4.39 -12.77
C ASP A 279 -21.22 4.94 -13.28
N GLY A 280 -20.12 4.25 -12.96
CA GLY A 280 -18.83 4.70 -13.40
C GLY A 280 -18.19 5.74 -12.49
N ARG A 281 -18.86 6.11 -11.40
CA ARG A 281 -18.30 7.09 -10.46
C ARG A 281 -16.93 6.62 -9.94
N GLU A 282 -15.95 7.52 -9.92
CA GLU A 282 -14.62 7.15 -9.45
C GLU A 282 -14.30 7.59 -8.03
N ILE A 283 -15.05 8.57 -7.51
CA ILE A 283 -14.85 9.08 -6.15
C ILE A 283 -16.02 8.62 -5.28
N PHE A 284 -15.71 7.87 -4.24
CA PHE A 284 -16.74 7.35 -3.35
C PHE A 284 -16.15 6.84 -2.04
N THR A 285 -16.99 6.69 -1.03
CA THR A 285 -16.55 6.25 0.28
C THR A 285 -16.43 4.75 0.43
N LEU A 286 -15.81 4.32 1.52
CA LEU A 286 -15.64 2.91 1.79
C LEU A 286 -17.04 2.30 1.92
N GLU A 287 -17.96 3.03 2.54
CA GLU A 287 -19.31 2.49 2.70
C GLU A 287 -20.03 2.34 1.36
N GLU A 288 -19.80 3.28 0.45
CA GLU A 288 -20.40 3.21 -0.89
C GLU A 288 -19.84 1.99 -1.64
N PHE A 289 -18.56 1.72 -1.45
CA PHE A 289 -17.91 0.56 -2.09
C PHE A 289 -18.55 -0.73 -1.54
N ILE A 290 -18.67 -0.82 -0.21
CA ILE A 290 -19.27 -1.99 0.42
C ILE A 290 -20.70 -2.21 -0.06
N GLN A 291 -21.49 -1.14 -0.15
CA GLN A 291 -22.89 -1.23 -0.59
C GLN A 291 -23.01 -1.63 -2.06
N ALA A 292 -22.04 -1.23 -2.86
CA ALA A 292 -22.05 -1.55 -4.28
C ALA A 292 -21.35 -2.87 -4.62
N PHE A 293 -20.47 -3.35 -3.73
CA PHE A 293 -19.71 -4.57 -4.03
C PHE A 293 -20.44 -5.84 -4.50
N THR A 294 -19.94 -6.44 -5.57
CA THR A 294 -20.48 -7.70 -6.07
C THR A 294 -19.35 -8.28 -6.91
N TRP A 295 -19.17 -9.60 -6.86
CA TRP A 295 -18.10 -10.24 -7.63
C TRP A 295 -18.34 -10.14 -9.13
N GLU A 296 -19.59 -9.86 -9.51
CA GLU A 296 -19.92 -9.73 -10.94
C GLU A 296 -19.22 -8.55 -11.59
N ARG A 297 -18.79 -7.59 -10.79
CA ARG A 297 -18.12 -6.42 -11.34
C ARG A 297 -16.63 -6.37 -11.09
N VAL A 298 -16.02 -7.52 -10.80
CA VAL A 298 -14.60 -7.60 -10.58
C VAL A 298 -14.03 -8.13 -11.89
N SER A 299 -13.31 -7.24 -12.57
CA SER A 299 -12.70 -7.54 -13.86
C SER A 299 -11.56 -8.51 -13.55
N LEU A 300 -11.32 -9.46 -14.45
CA LEU A 300 -10.24 -10.46 -14.27
C LEU A 300 -8.94 -10.07 -14.98
N GLY A 301 -8.99 -8.99 -15.76
CA GLY A 301 -7.83 -8.54 -16.52
C GLY A 301 -6.53 -8.28 -15.78
N GLY A 302 -6.60 -8.01 -14.49
CA GLY A 302 -5.38 -7.70 -13.74
C GLY A 302 -5.20 -6.20 -13.88
N PRO A 303 -5.53 -5.40 -12.85
CA PRO A 303 -5.44 -3.92 -12.82
C PRO A 303 -4.05 -3.29 -12.73
N VAL A 304 -3.90 -2.18 -13.47
CA VAL A 304 -2.64 -1.44 -13.45
C VAL A 304 -2.64 -0.41 -12.31
N PHE A 305 -1.65 -0.49 -11.42
CA PHE A 305 -1.55 0.46 -10.31
C PHE A 305 -0.76 1.65 -10.84
N ASP A 306 -1.47 2.72 -11.20
CA ASP A 306 -0.87 3.93 -11.80
C ASP A 306 -0.67 5.13 -10.86
N LEU A 307 0.58 5.38 -10.47
CA LEU A 307 0.91 6.49 -9.58
C LEU A 307 0.31 7.83 -10.06
N GLU A 308 0.25 8.01 -11.37
CA GLU A 308 -0.32 9.23 -11.95
C GLU A 308 -1.81 9.35 -11.64
N LYS A 309 -2.55 8.27 -11.80
CA LYS A 309 -3.99 8.36 -11.52
C LYS A 309 -4.21 8.51 -10.00
N LEU A 310 -3.35 7.90 -9.20
CA LEU A 310 -3.45 7.97 -7.74
C LEU A 310 -3.17 9.41 -7.29
N ARG A 311 -2.12 10.04 -7.82
CA ARG A 311 -1.85 11.43 -7.47
C ARG A 311 -3.04 12.30 -7.89
N TRP A 312 -3.63 12.01 -9.04
CA TRP A 312 -4.77 12.79 -9.48
C TRP A 312 -5.91 12.67 -8.47
N MET A 313 -6.13 11.45 -7.97
CA MET A 313 -7.22 11.22 -7.03
C MET A 313 -6.93 11.90 -5.69
N ASN A 314 -5.67 11.89 -5.30
CA ASN A 314 -5.27 12.49 -4.03
C ASN A 314 -5.59 14.00 -4.12
N GLY A 315 -5.24 14.58 -5.27
CA GLY A 315 -5.48 15.99 -5.51
C GLY A 315 -6.98 16.28 -5.46
N LYS A 316 -7.78 15.43 -6.10
CA LYS A 316 -9.23 15.63 -6.10
C LYS A 316 -9.75 15.59 -4.69
N TYR A 317 -9.15 14.75 -3.84
CA TYR A 317 -9.62 14.67 -2.46
C TYR A 317 -9.20 15.93 -1.69
N ILE A 318 -7.96 16.35 -1.92
CA ILE A 318 -7.47 17.54 -1.25
C ILE A 318 -8.30 18.79 -1.59
N ARG A 319 -8.64 18.99 -2.86
CA ARG A 319 -9.41 20.19 -3.17
C ARG A 319 -10.90 20.08 -3.43
N GLU A 320 -11.45 18.88 -3.37
CA GLU A 320 -12.88 18.75 -3.61
C GLU A 320 -13.62 17.90 -2.60
N VAL A 321 -12.93 16.99 -1.92
CA VAL A 321 -13.59 16.15 -0.94
C VAL A 321 -13.42 16.72 0.47
N LEU A 322 -12.18 16.99 0.88
CA LEU A 322 -11.95 17.54 2.21
C LEU A 322 -12.32 19.01 2.29
N SER A 323 -12.53 19.51 3.51
CA SER A 323 -12.83 20.92 3.67
C SER A 323 -11.46 21.58 3.82
N LEU A 324 -11.42 22.90 3.73
CA LEU A 324 -10.15 23.61 3.86
C LEU A 324 -9.55 23.33 5.24
N GLU A 325 -10.38 23.42 6.28
CA GLU A 325 -9.89 23.18 7.65
C GLU A 325 -9.34 21.77 7.85
N GLU A 326 -9.89 20.81 7.13
CA GLU A 326 -9.39 19.44 7.28
C GLU A 326 -8.04 19.31 6.59
N VAL A 327 -7.86 19.99 5.46
CA VAL A 327 -6.58 19.93 4.77
C VAL A 327 -5.53 20.60 5.66
N ALA A 328 -5.93 21.67 6.34
CA ALA A 328 -5.04 22.38 7.25
C ALA A 328 -4.61 21.45 8.40
N GLU A 329 -5.53 20.67 8.96
CA GLU A 329 -5.12 19.77 10.03
C GLU A 329 -4.12 18.75 9.48
N ARG A 330 -4.40 18.25 8.28
CA ARG A 330 -3.54 17.23 7.69
C ARG A 330 -2.10 17.62 7.31
N VAL A 331 -1.86 18.89 6.97
CA VAL A 331 -0.50 19.28 6.62
C VAL A 331 0.38 19.52 7.84
N LYS A 332 -0.24 19.71 9.01
CA LYS A 332 0.55 19.97 10.20
C LYS A 332 1.68 18.98 10.45
N PRO A 333 1.40 17.66 10.41
CA PRO A 333 2.51 16.72 10.66
C PRO A 333 3.65 16.95 9.67
N PHE A 334 3.30 17.34 8.45
CA PHE A 334 4.30 17.58 7.42
C PHE A 334 5.05 18.87 7.60
N LEU A 335 4.39 19.90 8.12
CA LEU A 335 5.11 21.16 8.36
C LEU A 335 6.11 20.91 9.49
N ARG A 336 5.65 20.22 10.54
CA ARG A 336 6.52 19.92 11.68
C ARG A 336 7.75 19.15 11.24
N GLU A 337 7.54 18.15 10.38
CA GLU A 337 8.62 17.32 9.87
C GLU A 337 9.61 18.17 9.07
N ALA A 338 9.10 19.23 8.45
CA ALA A 338 9.94 20.14 7.67
C ALA A 338 10.51 21.22 8.59
N GLY A 339 10.25 21.07 9.88
CA GLY A 339 10.74 22.04 10.85
C GLY A 339 10.17 23.43 10.65
N LEU A 340 8.87 23.51 10.43
CA LEU A 340 8.21 24.80 10.23
C LEU A 340 7.05 24.96 11.19
N SER A 341 6.80 26.20 11.61
CA SER A 341 5.70 26.49 12.50
C SER A 341 4.82 27.55 11.81
N TRP A 342 3.61 27.75 12.32
CA TRP A 342 2.70 28.73 11.74
C TRP A 342 2.28 29.67 12.88
N GLU A 343 2.22 30.97 12.58
CA GLU A 343 1.89 31.98 13.58
C GLU A 343 0.54 31.73 14.23
N SER A 344 -0.44 31.35 13.41
CA SER A 344 -1.79 31.08 13.91
C SER A 344 -2.52 30.08 13.01
N GLU A 345 -3.74 29.73 13.40
CA GLU A 345 -4.55 28.81 12.62
C GLU A 345 -5.10 29.55 11.41
N ALA A 346 -5.50 30.80 11.63
CA ALA A 346 -6.05 31.64 10.58
C ALA A 346 -5.07 31.81 9.43
N TYR A 347 -3.81 32.07 9.78
CA TYR A 347 -2.77 32.26 8.78
C TYR A 347 -2.58 30.96 8.03
N LEU A 348 -2.41 29.86 8.78
CA LEU A 348 -2.23 28.53 8.19
C LEU A 348 -3.33 28.26 7.19
N ARG A 349 -4.57 28.42 7.63
CA ARG A 349 -5.72 28.21 6.75
C ARG A 349 -5.57 29.00 5.46
N ARG A 350 -5.19 30.26 5.57
CA ARG A 350 -5.01 31.11 4.40
C ARG A 350 -3.90 30.57 3.49
N ALA A 351 -2.78 30.16 4.09
CA ALA A 351 -1.65 29.58 3.34
C ALA A 351 -2.08 28.31 2.59
N VAL A 352 -2.89 27.48 3.23
CA VAL A 352 -3.36 26.25 2.60
C VAL A 352 -4.32 26.61 1.46
N GLU A 353 -5.21 27.56 1.71
CA GLU A 353 -6.16 28.01 0.70
C GLU A 353 -5.42 28.52 -0.54
N LEU A 354 -4.36 29.30 -0.32
CA LEU A 354 -3.58 29.84 -1.44
C LEU A 354 -2.89 28.75 -2.26
N MET A 355 -2.41 27.73 -1.57
CA MET A 355 -1.66 26.63 -2.20
C MET A 355 -2.47 25.45 -2.70
N ARG A 356 -3.67 25.29 -2.15
CA ARG A 356 -4.54 24.17 -2.49
C ARG A 356 -4.58 23.75 -3.96
N PRO A 357 -4.65 24.70 -4.89
CA PRO A 357 -4.70 24.38 -6.32
C PRO A 357 -3.34 23.93 -6.87
N ARG A 358 -2.30 24.05 -6.05
CA ARG A 358 -0.96 23.72 -6.53
C ARG A 358 -0.26 22.45 -6.01
N PHE A 359 -0.87 21.70 -5.09
CA PHE A 359 -0.24 20.49 -4.60
C PHE A 359 -1.16 19.27 -4.60
N ASP A 360 -0.61 18.11 -4.94
CA ASP A 360 -1.42 16.88 -4.99
C ASP A 360 -1.17 15.92 -3.81
N THR A 361 -0.10 16.17 -3.04
CA THR A 361 0.21 15.38 -1.85
C THR A 361 0.49 16.36 -0.69
N LEU A 362 0.31 15.88 0.55
CA LEU A 362 0.51 16.74 1.73
C LEU A 362 1.96 17.17 1.95
N LYS A 363 2.90 16.36 1.48
CA LYS A 363 4.31 16.65 1.64
C LYS A 363 4.74 17.75 0.70
N GLU A 364 4.06 17.86 -0.44
CA GLU A 364 4.39 18.90 -1.40
C GLU A 364 4.04 20.29 -0.83
N PHE A 365 3.06 20.36 0.07
CA PHE A 365 2.66 21.67 0.62
C PHE A 365 3.82 22.40 1.30
N PRO A 366 4.51 21.78 2.27
CA PRO A 366 5.64 22.46 2.93
C PRO A 366 6.81 22.70 1.96
N GLU A 367 7.01 21.76 1.03
CA GLU A 367 8.07 21.87 0.04
C GLU A 367 7.86 23.09 -0.87
N LYS A 368 6.67 23.20 -1.42
CA LYS A 368 6.38 24.30 -2.34
C LYS A 368 6.02 25.63 -1.70
N ALA A 369 5.66 25.65 -0.42
CA ALA A 369 5.27 26.90 0.24
C ALA A 369 6.15 27.29 1.45
N ARG A 370 7.35 26.75 1.50
CA ARG A 370 8.26 27.02 2.61
C ARG A 370 8.44 28.51 2.91
N TYR A 371 8.59 29.32 1.87
CA TYR A 371 8.78 30.76 2.06
C TYR A 371 7.63 31.43 2.81
N LEU A 372 6.53 30.71 3.03
CA LEU A 372 5.41 31.29 3.75
C LEU A 372 5.51 31.11 5.26
N PHE A 373 6.38 30.20 5.70
CA PHE A 373 6.49 29.92 7.12
C PHE A 373 7.84 30.21 7.73
N THR A 374 8.82 30.52 6.89
CA THR A 374 10.14 30.85 7.38
C THR A 374 10.80 31.94 6.58
N GLU A 375 11.51 32.82 7.26
CA GLU A 375 12.21 33.93 6.60
C GLU A 375 13.50 33.46 5.94
N ASP A 376 13.85 32.19 6.16
CA ASP A 376 15.09 31.66 5.60
C ASP A 376 14.80 30.57 4.58
N TYR A 377 14.15 30.96 3.49
CA TYR A 377 13.79 30.03 2.42
C TYR A 377 14.87 29.88 1.35
N PRO A 378 14.82 28.81 0.55
CA PRO A 378 15.79 28.55 -0.51
C PRO A 378 15.44 29.32 -1.78
N VAL A 379 16.47 29.85 -2.43
CA VAL A 379 16.31 30.61 -3.66
C VAL A 379 16.86 29.75 -4.78
N SER A 380 16.00 29.37 -5.72
CA SER A 380 16.44 28.54 -6.83
C SER A 380 17.40 29.33 -7.68
N GLU A 381 18.16 28.63 -8.51
CA GLU A 381 19.11 29.31 -9.37
C GLU A 381 18.34 30.10 -10.41
N LYS A 382 17.30 29.48 -10.98
CA LYS A 382 16.50 30.14 -11.99
C LYS A 382 15.85 31.43 -11.46
N ALA A 383 15.43 31.42 -10.19
CA ALA A 383 14.83 32.60 -9.60
C ALA A 383 15.92 33.66 -9.34
N GLN A 384 17.12 33.21 -8.93
CA GLN A 384 18.22 34.14 -8.70
C GLN A 384 18.62 34.89 -9.96
N ARG A 385 18.69 34.19 -11.09
CA ARG A 385 19.07 34.84 -12.34
C ARG A 385 17.97 35.80 -12.86
N LYS A 386 16.71 35.52 -12.53
CA LYS A 386 15.64 36.42 -12.95
C LYS A 386 15.69 37.62 -12.00
N LEU A 387 15.99 37.35 -10.74
CA LEU A 387 16.06 38.41 -9.75
C LEU A 387 17.17 39.39 -10.14
N GLU A 388 18.33 38.85 -10.48
CA GLU A 388 19.49 39.65 -10.88
C GLU A 388 19.15 40.50 -12.12
N GLU A 389 18.56 39.85 -13.13
CA GLU A 389 18.20 40.52 -14.36
C GLU A 389 17.28 41.71 -14.10
N GLY A 390 16.41 41.59 -13.11
CA GLY A 390 15.49 42.67 -12.82
C GLY A 390 15.80 43.53 -11.60
N LEU A 391 16.96 43.34 -10.99
CA LEU A 391 17.32 44.11 -9.80
C LEU A 391 17.14 45.62 -9.96
N PRO A 392 17.67 46.21 -11.04
CA PRO A 392 17.47 47.66 -11.17
C PRO A 392 16.02 48.13 -11.10
N LEU A 393 15.10 47.37 -11.71
CA LEU A 393 13.68 47.75 -11.66
C LEU A 393 13.22 47.62 -10.23
N LEU A 394 13.63 46.55 -9.57
CA LEU A 394 13.26 46.37 -8.19
C LEU A 394 13.86 47.46 -7.31
N LYS A 395 15.09 47.88 -7.61
CA LYS A 395 15.72 48.93 -6.80
C LYS A 395 14.93 50.23 -6.90
N GLU A 396 14.47 50.56 -8.10
CA GLU A 396 13.69 51.79 -8.30
C GLU A 396 12.29 51.61 -7.69
N LEU A 397 11.79 50.38 -7.73
CA LEU A 397 10.48 50.09 -7.19
C LEU A 397 10.45 50.17 -5.67
N TYR A 398 11.52 49.72 -5.02
CA TYR A 398 11.59 49.69 -3.55
C TYR A 398 11.03 50.95 -2.88
N PRO A 399 11.43 52.15 -3.36
CA PRO A 399 10.92 53.40 -2.78
C PRO A 399 9.38 53.51 -2.85
N ARG A 400 8.80 53.10 -3.98
CA ARG A 400 7.34 53.17 -4.14
C ARG A 400 6.67 52.22 -3.16
N LEU A 401 7.25 51.06 -2.93
CA LEU A 401 6.65 50.10 -1.99
C LEU A 401 6.69 50.62 -0.54
N ARG A 402 7.78 51.30 -0.19
CA ARG A 402 7.92 51.83 1.16
C ARG A 402 6.91 52.94 1.42
N ALA A 403 6.71 53.79 0.42
CA ALA A 403 5.78 54.90 0.53
C ALA A 403 4.33 54.39 0.51
N GLN A 404 4.14 53.18 0.00
CA GLN A 404 2.81 52.58 -0.12
C GLN A 404 2.04 52.53 1.19
N GLU A 405 0.91 53.23 1.21
CA GLU A 405 0.04 53.29 2.39
C GLU A 405 -0.96 52.14 2.34
N GLU A 406 -1.74 52.09 1.25
CA GLU A 406 -2.75 51.06 1.03
C GLU A 406 -2.08 49.75 0.61
N TRP A 407 -1.95 48.82 1.56
CA TRP A 407 -1.31 47.53 1.31
C TRP A 407 -2.29 46.39 1.07
N THR A 408 -3.03 46.48 -0.03
CA THR A 408 -4.01 45.47 -0.42
C THR A 408 -3.59 44.85 -1.74
N GLU A 409 -4.07 43.63 -2.02
CA GLU A 409 -3.73 42.95 -3.25
C GLU A 409 -4.00 43.83 -4.46
N ALA A 410 -5.13 44.53 -4.45
CA ALA A 410 -5.53 45.37 -5.56
C ALA A 410 -4.78 46.69 -5.67
N ALA A 411 -4.30 47.21 -4.55
CA ALA A 411 -3.58 48.48 -4.60
C ALA A 411 -2.17 48.16 -5.11
N LEU A 412 -1.63 47.04 -4.63
CA LEU A 412 -0.30 46.60 -5.01
C LEU A 412 -0.23 46.30 -6.50
N GLU A 413 -1.28 45.67 -7.03
CA GLU A 413 -1.36 45.37 -8.44
C GLU A 413 -1.35 46.69 -9.22
N ALA A 414 -2.17 47.64 -8.78
CA ALA A 414 -2.22 48.95 -9.42
C ALA A 414 -0.86 49.67 -9.36
N LEU A 415 -0.17 49.56 -8.23
CA LEU A 415 1.15 50.19 -8.07
C LEU A 415 2.09 49.66 -9.18
N LEU A 416 2.25 48.35 -9.23
CA LEU A 416 3.11 47.77 -10.25
C LEU A 416 2.63 48.07 -11.65
N ARG A 417 1.31 48.12 -11.85
CA ARG A 417 0.77 48.41 -13.16
C ARG A 417 1.26 49.83 -13.48
N GLY A 418 1.01 50.76 -12.56
CA GLY A 418 1.46 52.12 -12.80
C GLY A 418 2.96 52.20 -13.02
N PHE A 419 3.72 51.47 -12.22
CA PHE A 419 5.18 51.48 -12.35
C PHE A 419 5.68 50.99 -13.71
N ALA A 420 5.17 49.84 -14.19
CA ALA A 420 5.62 49.31 -15.48
C ALA A 420 5.35 50.26 -16.65
N ALA A 421 4.21 50.93 -16.64
CA ALA A 421 3.90 51.87 -17.73
C ALA A 421 4.91 53.00 -17.63
N GLU A 422 5.14 53.48 -16.42
CA GLU A 422 6.10 54.56 -16.18
C GLU A 422 7.43 54.19 -16.78
N LYS A 423 7.89 52.97 -16.52
CA LYS A 423 9.17 52.53 -17.05
C LYS A 423 9.15 52.01 -18.47
N GLY A 424 7.96 52.01 -19.08
CA GLY A 424 7.86 51.52 -20.45
C GLY A 424 8.07 50.01 -20.58
N VAL A 425 7.72 49.25 -19.54
CA VAL A 425 7.87 47.80 -19.60
C VAL A 425 6.55 47.09 -19.28
N LYS A 426 6.47 45.81 -19.62
CA LYS A 426 5.26 45.06 -19.32
C LYS A 426 5.25 44.70 -17.85
N LEU A 427 4.07 44.52 -17.29
CA LEU A 427 3.93 44.18 -15.88
C LEU A 427 4.78 42.95 -15.48
N GLY A 428 4.80 41.93 -16.34
CA GLY A 428 5.57 40.74 -16.05
C GLY A 428 7.06 40.95 -15.80
N GLN A 429 7.67 41.91 -16.50
CA GLN A 429 9.10 42.18 -16.32
C GLN A 429 9.40 42.74 -14.93
N VAL A 430 8.37 43.21 -14.26
CA VAL A 430 8.54 43.74 -12.91
C VAL A 430 8.08 42.65 -11.96
N ALA A 431 6.96 42.01 -12.29
CA ALA A 431 6.38 40.97 -11.44
C ALA A 431 7.27 39.79 -11.09
N GLN A 432 7.88 39.16 -12.08
CA GLN A 432 8.72 37.99 -11.85
C GLN A 432 9.96 38.26 -10.97
N PRO A 433 10.68 39.39 -11.21
CA PRO A 433 11.84 39.67 -10.37
C PRO A 433 11.35 39.78 -8.92
N LEU A 434 10.23 40.48 -8.72
CA LEU A 434 9.67 40.65 -7.39
C LEU A 434 9.26 39.34 -6.74
N ARG A 435 8.77 38.41 -7.55
CA ARG A 435 8.33 37.11 -7.01
C ARG A 435 9.57 36.40 -6.51
N ALA A 436 10.61 36.38 -7.34
CA ALA A 436 11.86 35.75 -6.99
C ALA A 436 12.41 36.31 -5.65
N ALA A 437 12.35 37.64 -5.48
CA ALA A 437 12.84 38.28 -4.26
C ALA A 437 12.05 37.89 -3.02
N LEU A 438 10.73 37.90 -3.11
CA LEU A 438 9.88 37.57 -1.97
C LEU A 438 9.70 36.09 -1.68
N THR A 439 9.97 35.21 -2.65
CA THR A 439 9.71 33.79 -2.43
C THR A 439 10.84 32.83 -2.80
N GLY A 440 11.83 33.31 -3.53
CA GLY A 440 12.90 32.44 -3.93
C GLY A 440 12.42 31.55 -5.03
N SER A 441 11.20 31.81 -5.53
CA SER A 441 10.61 31.00 -6.61
C SER A 441 9.93 31.82 -7.71
N LEU A 442 9.82 31.20 -8.88
CA LEU A 442 9.15 31.80 -10.02
C LEU A 442 7.74 31.20 -10.19
N GLU A 443 7.42 30.19 -9.39
CA GLU A 443 6.12 29.52 -9.43
C GLU A 443 5.51 29.48 -8.02
N THR A 444 4.52 30.34 -7.83
CA THR A 444 3.86 30.47 -6.55
C THR A 444 2.43 30.89 -6.85
N PRO A 445 1.60 31.00 -5.81
CA PRO A 445 0.23 31.45 -6.12
C PRO A 445 0.28 32.96 -6.42
N GLY A 446 -0.89 33.56 -6.61
CA GLY A 446 -0.98 34.98 -6.92
C GLY A 446 0.06 35.90 -6.29
N LEU A 447 0.94 36.45 -7.12
CA LEU A 447 1.98 37.36 -6.60
C LEU A 447 1.44 38.46 -5.68
N PHE A 448 0.37 39.13 -6.09
CA PHE A 448 -0.18 40.20 -5.27
C PHE A 448 -0.89 39.67 -4.04
N GLU A 449 -1.33 38.42 -4.12
CA GLU A 449 -2.00 37.81 -2.98
C GLU A 449 -0.92 37.54 -1.94
N ILE A 450 0.21 37.00 -2.38
CA ILE A 450 1.34 36.72 -1.47
C ILE A 450 1.88 38.04 -0.90
N LEU A 451 2.12 39.01 -1.78
CA LEU A 451 2.64 40.31 -1.38
C LEU A 451 1.90 40.87 -0.17
N ALA A 452 0.58 40.82 -0.23
CA ALA A 452 -0.24 41.35 0.85
C ALA A 452 -0.38 40.42 2.05
N LEU A 453 -0.24 39.12 1.83
CA LEU A 453 -0.39 38.14 2.90
C LEU A 453 0.47 38.43 4.11
N LEU A 454 1.79 38.40 3.91
CA LEU A 454 2.70 38.65 5.01
C LEU A 454 2.45 40.01 5.66
N GLY A 455 2.35 41.05 4.83
CA GLY A 455 2.11 42.38 5.37
C GLY A 455 3.21 43.33 4.90
N LYS A 456 2.92 44.62 4.88
CA LYS A 456 3.89 45.63 4.42
C LYS A 456 5.29 45.50 5.01
N GLU A 457 5.41 45.77 6.31
CA GLU A 457 6.70 45.69 7.01
C GLU A 457 7.37 44.36 6.80
N ARG A 458 6.63 43.28 6.99
CA ARG A 458 7.19 41.94 6.81
C ARG A 458 7.68 41.77 5.38
N ALA A 459 6.81 42.10 4.43
CA ALA A 459 7.15 42.00 3.02
C ALA A 459 8.36 42.86 2.68
N LEU A 460 8.30 44.14 3.06
CA LEU A 460 9.39 45.08 2.80
C LEU A 460 10.69 44.61 3.43
N ARG A 461 10.59 44.21 4.70
CA ARG A 461 11.76 43.75 5.43
C ARG A 461 12.40 42.55 4.78
N ARG A 462 11.67 41.85 3.91
CA ARG A 462 12.23 40.68 3.25
C ARG A 462 12.82 41.03 1.88
N LEU A 463 12.29 42.10 1.27
CA LEU A 463 12.75 42.55 -0.05
C LEU A 463 14.16 43.18 0.02
N GLU A 464 14.48 43.80 1.14
CA GLU A 464 15.80 44.42 1.32
C GLU A 464 16.96 43.42 1.21
N ARG A 465 16.77 42.22 1.73
CA ARG A 465 17.79 41.18 1.68
C ARG A 465 18.16 40.79 0.25
N ALA A 466 17.25 41.06 -0.69
CA ALA A 466 17.49 40.74 -2.09
C ALA A 466 18.45 41.74 -2.71
N LEU A 467 18.54 42.91 -2.08
CA LEU A 467 19.41 43.97 -2.55
C LEU A 467 20.69 44.05 -1.71
N ALA A 468 21.52 43.02 -1.80
CA ALA A 468 22.77 42.94 -1.06
C ALA A 468 23.88 42.28 -1.89
N GLU B . 1.12 -15.06 3.72
CA GLU B . 0.91 -15.00 2.25
C GLU B . 1.62 -13.83 1.56
O GLU B . 1.76 -13.90 0.33
CB GLU B . -0.59 -14.98 1.92
CG GLU B . -1.29 -16.34 2.06
CD GLU B . -2.74 -16.35 1.58
OE1 GLU B . -3.36 -17.44 1.50
OE2 GLU B . -3.28 -15.27 1.27
OXT GLU B . 2.02 -12.85 2.24
#